data_6NSG
#
_entry.id   6NSG
#
_cell.length_a   100.264
_cell.length_b   100.264
_cell.length_c   383.644
_cell.angle_alpha   90.00
_cell.angle_beta   90.00
_cell.angle_gamma   120.00
#
_symmetry.space_group_name_H-M   'H 3 2'
#
loop_
_entity.id
_entity.type
_entity.pdbx_description
1 polymer 'Hemagglutinin HA1 chain'
2 polymer 'Hemagglutinin HA2 chain'
3 branched alpha-D-mannopyranose-(1-3)-[alpha-D-mannopyranose-(1-6)]beta-D-mannopyranose-(1-4)-2-acetamido-2-deoxy-beta-D-glucopyranose-(1-4)-2-acetamido-2-deoxy-beta-D-glucopyranose
4 branched 2-acetamido-2-deoxy-beta-D-glucopyranose-(1-4)-[beta-L-fucopyranose-(1-6)]2-acetamido-2-deoxy-beta-D-glucopyranose
5 branched 2-acetamido-2-deoxy-beta-D-glucopyranose-(1-4)-2-acetamido-2-deoxy-beta-D-glucopyranose
6 non-polymer 2-acetamido-2-deoxy-beta-D-glucopyranose
7 non-polymer 'N-acetyl-alpha-neuraminic acid'
8 water water
#
loop_
_entity_poly.entity_id
_entity_poly.type
_entity_poly.pdbx_seq_one_letter_code
_entity_poly.pdbx_strand_id
1 'polypeptide(L)'
;PGATLCLGHHAVPNGTIVKTITNDQIEVTNATELVQSSSTGEICDSPHQILDGENCTLIDALLGDPQCDGFQNKKWDLFV
ERSKAYSNCYPYDVPDYASLRSLVASSGTLEFNNESFNWTGVTQNGTSSACIRRSNNSFFSRLNWLTHLKFKYPALNVTM
PNNEKFDKLYIWGVHHPVTDNDQIFPYAQASGRITVSTKRSQQTVIPNIGSRPRVRNIPSRISIYWTIVKPGDILLINST
GNLIAPRGYFKIRSGKSSIMRSDAPIGKCNSECITPNGSIPNDKPFQNVNRITYGACPRYVKQNTLKLATGMRNVPEKQT
R
;
A
2 'polypeptide(L)'
;GIFGAIAGFIENGWEGMVDGWYGFRHQNSEGIGQAADLKSTQAAIDQINGKLNRLIGKTNEKFHQIEKEFSEVEGRIQDL
EKYVEDTKIDLWSYNAELLVALENQHTIDLTDSEMNKLFEKTKKQLRENAEDMGNGCFKIYHKCDNACIGSIRNGTYDHD
VYRDEALNNRFQIKGV
;
B
#
loop_
_chem_comp.id
_chem_comp.type
_chem_comp.name
_chem_comp.formula
BMA D-saccharide, beta linking beta-D-mannopyranose 'C6 H12 O6'
FUL L-saccharide, beta linking beta-L-fucopyranose 'C6 H12 O5'
MAN D-saccharide, alpha linking alpha-D-mannopyranose 'C6 H12 O6'
NAG D-saccharide, beta linking 2-acetamido-2-deoxy-beta-D-glucopyranose 'C8 H15 N O6'
SIA D-saccharide, alpha linking 'N-acetyl-alpha-neuraminic acid' 'C11 H19 N O9'
#
# COMPACT_ATOMS: atom_id res chain seq x y z
N PRO A 1 51.12 -30.71 -30.92
CA PRO A 1 50.10 -29.72 -31.31
C PRO A 1 49.16 -29.30 -30.17
N GLY A 2 48.40 -30.23 -29.60
CA GLY A 2 47.52 -29.92 -28.45
C GLY A 2 46.13 -29.31 -28.66
N ALA A 3 45.66 -28.57 -27.67
CA ALA A 3 44.37 -27.88 -27.73
C ALA A 3 44.31 -26.76 -26.69
N THR A 4 43.30 -25.92 -26.84
CA THR A 4 43.03 -24.81 -25.94
C THR A 4 41.58 -24.87 -25.49
N LEU A 5 41.35 -24.75 -24.17
CA LEU A 5 40.01 -24.73 -23.61
C LEU A 5 39.87 -23.50 -22.73
N CYS A 6 38.95 -22.62 -23.11
CA CYS A 6 38.72 -21.36 -22.43
C CYS A 6 37.39 -21.43 -21.69
N LEU A 7 37.41 -20.98 -20.44
CA LEU A 7 36.22 -20.85 -19.63
C LEU A 7 35.76 -19.42 -19.79
N GLY A 8 34.45 -19.24 -19.85
CA GLY A 8 33.92 -17.91 -19.97
C GLY A 8 32.49 -17.83 -19.53
N HIS A 9 31.96 -16.63 -19.72
CA HIS A 9 30.65 -16.26 -19.30
C HIS A 9 30.01 -15.38 -20.36
N HIS A 10 28.68 -15.31 -20.35
CA HIS A 10 27.98 -14.52 -21.32
C HIS A 10 28.10 -12.99 -21.09
N ALA A 11 27.62 -12.26 -22.07
CA ALA A 11 27.45 -10.83 -22.00
C ALA A 11 26.32 -10.44 -22.99
N VAL A 12 25.74 -9.26 -22.80
CA VAL A 12 24.62 -8.78 -23.63
C VAL A 12 25.01 -7.42 -24.20
N PRO A 13 24.42 -7.08 -25.37
CA PRO A 13 24.74 -5.79 -25.98
C PRO A 13 24.05 -4.63 -25.26
N ASN A 14 22.93 -4.89 -24.58
CA ASN A 14 22.14 -3.88 -23.86
C ASN A 14 22.11 -4.14 -22.32
N GLY A 15 23.20 -3.81 -21.63
CA GLY A 15 23.22 -3.92 -20.16
C GLY A 15 22.35 -2.88 -19.44
N THR A 16 22.11 -3.09 -18.16
CA THR A 16 21.37 -2.17 -17.27
C THR A 16 22.30 -1.72 -16.12
N ILE A 17 22.16 -0.47 -15.71
CA ILE A 17 22.94 0.07 -14.62
C ILE A 17 22.22 -0.20 -13.31
N VAL A 18 22.95 -0.73 -12.33
CA VAL A 18 22.44 -0.86 -10.97
C VAL A 18 23.41 -0.21 -9.99
N LYS A 19 22.95 -0.06 -8.75
CA LYS A 19 23.77 0.43 -7.63
C LYS A 19 24.23 -0.74 -6.76
N THR A 20 25.41 -0.59 -6.18
CA THR A 20 25.93 -1.52 -5.19
C THR A 20 26.42 -0.74 -4.00
N ILE A 21 26.99 -1.48 -3.06
CA ILE A 21 27.62 -0.90 -1.88
C ILE A 21 28.84 -0.05 -2.26
N THR A 22 29.61 -0.50 -3.25
CA THR A 22 30.86 0.18 -3.58
C THR A 22 30.75 1.07 -4.80
N ASN A 23 29.60 1.07 -5.46
CA ASN A 23 29.56 1.61 -6.80
C ASN A 23 28.18 2.05 -7.16
N ASP A 24 27.98 3.35 -7.39
CA ASP A 24 26.63 3.82 -7.68
C ASP A 24 26.17 3.54 -9.13
N GLN A 25 27.08 3.11 -10.00
CA GLN A 25 26.76 2.75 -11.38
C GLN A 25 27.60 1.56 -11.83
N ILE A 26 26.99 0.39 -11.90
CA ILE A 26 27.67 -0.74 -12.46
CA ILE A 26 27.61 -0.87 -12.32
C ILE A 26 26.70 -1.47 -13.37
N GLU A 27 27.23 -1.92 -14.50
CA GLU A 27 26.37 -2.49 -15.51
C GLU A 27 26.24 -4.01 -15.31
N VAL A 28 25.01 -4.49 -15.26
CA VAL A 28 24.74 -5.91 -15.20
C VAL A 28 23.98 -6.37 -16.46
N THR A 29 23.94 -7.67 -16.70
CA THR A 29 23.28 -8.20 -17.87
C THR A 29 21.77 -8.00 -17.86
N ASN A 30 21.19 -7.91 -16.67
CA ASN A 30 19.76 -7.79 -16.52
C ASN A 30 19.35 -7.31 -15.12
N ALA A 31 18.19 -6.65 -15.06
CA ALA A 31 17.61 -6.24 -13.78
C ALA A 31 16.10 -6.18 -13.87
N THR A 32 15.50 -6.04 -12.70
CA THR A 32 14.08 -5.88 -12.56
C THR A 32 13.78 -4.74 -11.58
N GLU A 33 12.70 -4.03 -11.86
CA GLU A 33 12.29 -2.85 -11.14
C GLU A 33 11.56 -3.23 -9.86
N LEU A 34 12.00 -2.71 -8.72
CA LEU A 34 11.34 -2.98 -7.45
C LEU A 34 10.33 -1.92 -6.96
N VAL A 35 10.26 -0.77 -7.64
CA VAL A 35 9.38 0.32 -7.27
C VAL A 35 8.25 0.42 -8.31
N GLN A 36 7.01 0.23 -7.87
CA GLN A 36 5.85 0.46 -8.70
C GLN A 36 5.61 1.97 -8.77
N SER A 37 5.54 2.49 -10.00
CA SER A 37 5.47 3.92 -10.21
C SER A 37 4.34 4.38 -11.09
N SER A 38 3.43 3.47 -11.43
CA SER A 38 2.30 3.75 -12.33
C SER A 38 1.03 3.11 -11.80
N SER A 39 -0.09 3.77 -12.10
CA SER A 39 -1.44 3.26 -11.86
CA SER A 39 -1.43 3.22 -11.88
C SER A 39 -2.20 3.32 -13.18
N THR A 40 -3.19 2.45 -13.34
CA THR A 40 -4.10 2.56 -14.51
C THR A 40 -5.01 3.78 -14.42
N GLY A 41 -5.18 4.34 -13.21
CA GLY A 41 -5.97 5.55 -13.01
C GLY A 41 -7.38 5.28 -12.52
N GLU A 42 -7.75 4.00 -12.41
CA GLU A 42 -9.07 3.56 -11.95
C GLU A 42 -8.95 2.82 -10.62
N ILE A 43 -9.88 3.06 -9.70
CA ILE A 43 -10.02 2.23 -8.50
C ILE A 43 -10.82 1.01 -8.88
N CYS A 44 -10.21 -0.16 -8.82
CA CYS A 44 -10.90 -1.39 -9.20
C CYS A 44 -11.98 -1.77 -8.15
N ASP A 45 -13.20 -2.07 -8.62
CA ASP A 45 -14.32 -2.46 -7.74
C ASP A 45 -14.20 -3.83 -7.06
N SER A 46 -13.12 -4.55 -7.30
CA SER A 46 -12.86 -5.87 -6.71
C SER A 46 -11.39 -6.01 -6.32
N PRO A 47 -11.03 -6.81 -5.32
CA PRO A 47 -11.93 -7.65 -4.52
C PRO A 47 -12.52 -6.96 -3.27
N HIS A 48 -12.28 -5.66 -3.12
CA HIS A 48 -12.76 -4.94 -1.95
C HIS A 48 -14.10 -4.35 -2.26
N GLN A 49 -14.96 -4.29 -1.26
CA GLN A 49 -16.25 -3.63 -1.38
C GLN A 49 -16.09 -2.10 -1.37
N ILE A 50 -16.29 -1.50 -2.53
CA ILE A 50 -16.16 -0.08 -2.72
C ILE A 50 -17.51 0.58 -2.60
N LEU A 51 -17.58 1.68 -1.88
CA LEU A 51 -18.77 2.51 -1.83
C LEU A 51 -18.39 3.94 -2.24
N ASP A 52 -18.79 4.32 -3.44
CA ASP A 52 -18.50 5.65 -4.01
C ASP A 52 -19.45 6.62 -3.35
N GLY A 53 -18.90 7.56 -2.59
CA GLY A 53 -19.71 8.61 -1.93
C GLY A 53 -20.37 9.60 -2.87
N GLU A 54 -19.81 9.78 -4.06
CA GLU A 54 -20.40 10.64 -5.11
C GLU A 54 -20.56 12.06 -4.60
N ASN A 55 -21.77 12.55 -4.39
CA ASN A 55 -21.95 13.93 -3.88
C ASN A 55 -21.90 14.03 -2.36
N CYS A 56 -21.78 12.89 -1.67
CA CYS A 56 -21.96 12.78 -0.22
C CYS A 56 -20.68 12.43 0.51
N THR A 57 -20.39 13.18 1.56
CA THR A 57 -19.37 12.78 2.51
C THR A 57 -19.90 11.63 3.34
N LEU A 58 -19.03 10.86 4.00
CA LEU A 58 -19.51 9.85 4.93
C LEU A 58 -20.44 10.48 5.98
N ILE A 59 -20.05 11.64 6.50
CA ILE A 59 -20.81 12.34 7.54
C ILE A 59 -22.24 12.69 7.05
N ASP A 60 -22.35 13.24 5.84
CA ASP A 60 -23.67 13.49 5.23
C ASP A 60 -24.49 12.21 4.98
N ALA A 61 -23.87 11.13 4.54
CA ALA A 61 -24.58 9.83 4.47
C ALA A 61 -25.02 9.39 5.86
N LEU A 62 -24.18 9.61 6.86
CA LEU A 62 -24.48 9.25 8.26
C LEU A 62 -25.65 10.03 8.83
N LEU A 63 -25.59 11.36 8.71
CA LEU A 63 -26.65 12.20 9.24
C LEU A 63 -27.95 11.99 8.48
N GLY A 64 -27.86 11.70 7.18
CA GLY A 64 -29.01 11.49 6.33
C GLY A 64 -29.50 12.75 5.59
N ASP A 65 -28.55 13.51 5.04
CA ASP A 65 -28.79 14.56 4.04
C ASP A 65 -29.60 13.95 2.88
N PRO A 66 -30.76 14.51 2.51
CA PRO A 66 -31.69 13.80 1.59
C PRO A 66 -31.08 13.20 0.34
N GLN A 67 -30.18 13.91 -0.33
CA GLN A 67 -29.49 13.36 -1.51
C GLN A 67 -28.62 12.11 -1.23
N CYS A 68 -28.27 11.88 0.04
CA CYS A 68 -27.60 10.66 0.49
C CYS A 68 -28.54 9.53 0.91
N ASP A 69 -29.85 9.70 0.76
CA ASP A 69 -30.82 8.65 1.14
C ASP A 69 -30.50 7.25 0.61
N GLY A 70 -29.93 7.15 -0.58
CA GLY A 70 -29.53 5.85 -1.15
C GLY A 70 -28.48 5.07 -0.35
N PHE A 71 -27.75 5.77 0.53
CA PHE A 71 -26.69 5.13 1.33
C PHE A 71 -27.17 4.39 2.60
N GLN A 72 -28.46 4.53 2.96
CA GLN A 72 -28.97 3.97 4.21
C GLN A 72 -28.61 2.51 4.37
N ASN A 73 -27.98 2.20 5.50
CA ASN A 73 -27.61 0.85 5.90
C ASN A 73 -26.50 0.14 5.10
N LYS A 74 -25.81 0.85 4.21
CA LYS A 74 -24.79 0.22 3.38
C LYS A 74 -23.52 -0.04 4.17
N LYS A 75 -22.79 -1.05 3.69
CA LYS A 75 -21.49 -1.47 4.20
C LYS A 75 -20.41 -1.17 3.15
N TRP A 76 -19.15 -1.22 3.57
CA TRP A 76 -18.02 -0.96 2.69
C TRP A 76 -16.74 -1.48 3.31
N ASP A 77 -15.84 -1.93 2.44
CA ASP A 77 -14.48 -2.09 2.81
C ASP A 77 -13.84 -0.72 2.68
N LEU A 78 -14.08 -0.02 1.55
CA LEU A 78 -13.56 1.33 1.34
C LEU A 78 -14.59 2.34 0.86
N PHE A 79 -14.89 3.32 1.70
CA PHE A 79 -15.74 4.46 1.34
C PHE A 79 -14.87 5.48 0.62
N VAL A 80 -15.28 5.88 -0.58
CA VAL A 80 -14.49 6.81 -1.39
C VAL A 80 -15.21 8.15 -1.39
N GLU A 81 -14.58 9.17 -0.78
CA GLU A 81 -15.10 10.57 -0.80
C GLU A 81 -14.57 11.35 -1.96
N ARG A 82 -15.46 12.04 -2.64
CA ARG A 82 -15.14 12.79 -3.86
C ARG A 82 -14.96 14.25 -3.51
N SER A 83 -14.04 14.93 -4.19
CA SER A 83 -13.81 16.35 -3.92
C SER A 83 -14.98 17.25 -4.35
N LYS A 84 -15.75 16.83 -5.35
CA LYS A 84 -16.97 17.55 -5.76
C LYS A 84 -18.14 17.50 -4.74
N ALA A 85 -18.03 16.70 -3.67
CA ALA A 85 -19.15 16.54 -2.72
C ALA A 85 -19.53 17.86 -2.04
N TYR A 86 -20.78 17.96 -1.60
CA TYR A 86 -21.24 19.15 -0.91
C TYR A 86 -22.43 18.78 -0.05
N SER A 87 -22.63 19.53 1.03
CA SER A 87 -23.80 19.36 1.90
C SER A 87 -24.99 20.18 1.38
N ASN A 88 -26.20 19.62 1.49
CA ASN A 88 -27.42 20.29 1.00
C ASN A 88 -28.62 20.08 1.93
N CYS A 89 -28.38 20.21 3.24
CA CYS A 89 -29.38 20.07 4.27
C CYS A 89 -29.16 21.24 5.23
N TYR A 90 -29.50 21.08 6.51
CA TYR A 90 -29.32 22.16 7.46
C TYR A 90 -27.83 22.36 7.72
N PRO A 91 -27.36 23.64 7.77
CA PRO A 91 -25.94 23.84 8.08
C PRO A 91 -25.55 23.31 9.46
N TYR A 92 -24.38 22.70 9.57
CA TYR A 92 -23.90 22.11 10.82
C TYR A 92 -22.39 22.09 10.93
N ASP A 93 -21.91 21.97 12.16
CA ASP A 93 -20.50 21.61 12.40
C ASP A 93 -20.43 20.42 13.37
N VAL A 94 -19.31 19.70 13.29
CA VAL A 94 -19.04 18.57 14.18
C VAL A 94 -17.71 18.86 14.87
N PRO A 95 -17.74 19.25 16.15
CA PRO A 95 -16.48 19.24 16.90
C PRO A 95 -15.81 17.87 16.79
N ASP A 96 -14.52 17.81 16.49
CA ASP A 96 -13.85 16.53 16.23
C ASP A 96 -14.55 15.73 15.07
N TYR A 97 -14.88 16.46 14.01
CA TYR A 97 -15.35 15.89 12.74
C TYR A 97 -14.47 14.73 12.28
N ALA A 98 -13.15 14.92 12.36
CA ALA A 98 -12.19 13.92 11.95
C ALA A 98 -12.32 12.58 12.70
N SER A 99 -12.62 12.62 13.99
CA SER A 99 -12.76 11.39 14.78
C SER A 99 -14.05 10.63 14.50
N LEU A 100 -15.14 11.37 14.31
CA LEU A 100 -16.42 10.76 13.95
C LEU A 100 -16.29 10.11 12.57
N ARG A 101 -15.85 10.88 11.59
CA ARG A 101 -15.54 10.35 10.25
C ARG A 101 -14.66 9.08 10.35
N SER A 102 -13.57 9.17 11.11
CA SER A 102 -12.69 8.04 11.31
C SER A 102 -13.38 6.82 11.92
N LEU A 103 -14.13 6.97 12.99
CA LEU A 103 -14.67 5.78 13.68
C LEU A 103 -15.81 5.12 12.90
N VAL A 104 -16.58 5.92 12.16
CA VAL A 104 -17.59 5.40 11.26
C VAL A 104 -16.92 4.67 10.09
N ALA A 105 -15.92 5.31 9.47
CA ALA A 105 -15.19 4.71 8.34
C ALA A 105 -14.62 3.35 8.68
N SER A 106 -14.04 3.29 9.86
CA SER A 106 -13.46 2.08 10.39
C SER A 106 -14.53 1.03 10.77
N SER A 107 -15.66 1.48 11.29
CA SER A 107 -16.76 0.58 11.57
C SER A 107 -17.26 -0.06 10.26
N GLY A 108 -17.30 0.72 9.19
CA GLY A 108 -17.54 0.15 7.87
C GLY A 108 -18.97 -0.26 7.61
N THR A 109 -19.91 0.33 8.36
CA THR A 109 -21.34 0.16 8.11
C THR A 109 -22.17 1.39 8.49
N LEU A 110 -23.27 1.61 7.77
CA LEU A 110 -24.28 2.62 8.16
C LEU A 110 -25.57 1.97 8.64
N GLU A 111 -25.50 0.70 9.07
CA GLU A 111 -26.67 0.00 9.63
C GLU A 111 -27.25 0.84 10.76
N PHE A 112 -28.54 1.16 10.62
CA PHE A 112 -29.26 1.97 11.58
C PHE A 112 -30.56 1.26 12.01
N ASN A 113 -30.75 1.15 13.32
CA ASN A 113 -32.00 0.64 13.89
C ASN A 113 -32.77 1.78 14.54
N ASN A 114 -34.00 1.99 14.09
CA ASN A 114 -34.86 3.03 14.69
C ASN A 114 -35.23 2.67 16.10
N GLU A 115 -35.36 3.66 16.97
CA GLU A 115 -35.85 3.44 18.33
C GLU A 115 -36.96 4.43 18.70
N SER A 116 -37.96 3.91 19.42
CA SER A 116 -39.10 4.68 19.89
C SER A 116 -38.79 5.33 21.25
N PHE A 117 -38.35 6.59 21.18
CA PHE A 117 -38.11 7.42 22.35
C PHE A 117 -39.45 8.03 22.84
N ASN A 118 -39.62 8.09 24.16
CA ASN A 118 -40.82 8.65 24.79
C ASN A 118 -40.77 10.19 24.68
N TRP A 119 -41.14 10.72 23.51
CA TRP A 119 -41.14 12.16 23.27
C TRP A 119 -42.56 12.73 23.41
N THR A 120 -42.95 13.00 24.66
CA THR A 120 -44.17 13.78 24.94
C THR A 120 -43.77 15.06 25.69
N GLY A 121 -44.51 16.14 25.42
CA GLY A 121 -44.14 17.50 25.86
C GLY A 121 -43.32 18.28 24.84
N VAL A 122 -43.37 17.86 23.57
CA VAL A 122 -42.65 18.51 22.47
C VAL A 122 -43.24 18.07 21.11
N THR A 123 -43.08 18.89 20.08
CA THR A 123 -43.39 18.51 18.69
C THR A 123 -42.13 17.97 17.99
N GLN A 124 -42.23 16.71 17.60
CA GLN A 124 -41.18 16.01 16.88
C GLN A 124 -41.16 16.46 15.42
N ASN A 125 -40.17 15.96 14.68
CA ASN A 125 -40.10 16.03 13.23
C ASN A 125 -40.03 17.45 12.66
N GLY A 126 -39.35 18.35 13.36
CA GLY A 126 -39.13 19.70 12.85
C GLY A 126 -38.43 19.72 11.50
N THR A 127 -38.85 20.65 10.63
CA THR A 127 -38.28 20.75 9.29
C THR A 127 -37.76 22.16 8.98
N SER A 128 -37.16 22.30 7.79
CA SER A 128 -36.60 23.57 7.29
C SER A 128 -36.56 23.58 5.76
N SER A 129 -36.42 24.77 5.20
CA SER A 129 -36.45 25.00 3.75
C SER A 129 -35.08 24.76 3.08
N ALA A 130 -34.02 24.63 3.88
CA ALA A 130 -32.66 24.37 3.37
C ALA A 130 -32.32 22.89 3.37
N CYS A 131 -33.25 22.05 3.80
CA CYS A 131 -33.11 20.60 3.70
C CYS A 131 -34.35 20.05 3.00
N ILE A 132 -34.32 20.18 1.68
CA ILE A 132 -35.37 19.74 0.78
C ILE A 132 -35.23 18.25 0.48
N ARG A 133 -36.23 17.48 0.91
CA ARG A 133 -36.36 16.06 0.59
C ARG A 133 -37.70 15.88 -0.13
N ARG A 134 -37.65 15.34 -1.35
CA ARG A 134 -38.86 15.00 -2.12
C ARG A 134 -39.79 16.21 -2.29
N SER A 135 -39.20 17.33 -2.70
CA SER A 135 -39.91 18.61 -2.93
C SER A 135 -40.80 19.09 -1.77
N ASN A 136 -40.26 19.05 -0.57
CA ASN A 136 -40.98 19.46 0.65
C ASN A 136 -39.96 19.70 1.75
N ASN A 137 -40.16 20.76 2.55
CA ASN A 137 -39.28 21.00 3.71
C ASN A 137 -39.07 19.69 4.46
N SER A 138 -37.82 19.46 4.90
CA SER A 138 -37.44 18.21 5.53
C SER A 138 -36.24 18.43 6.43
N PHE A 139 -35.66 17.34 6.93
CA PHE A 139 -34.52 17.37 7.85
C PHE A 139 -33.62 16.14 7.64
N PHE A 140 -32.52 16.05 8.38
CA PHE A 140 -31.66 14.87 8.37
C PHE A 140 -32.48 13.63 8.78
N SER A 141 -32.49 12.62 7.92
CA SER A 141 -33.29 11.40 8.14
C SER A 141 -33.07 10.69 9.47
N ARG A 142 -31.87 10.81 10.05
CA ARG A 142 -31.53 10.16 11.31
C ARG A 142 -31.62 11.06 12.52
N LEU A 143 -32.02 12.31 12.31
CA LEU A 143 -32.18 13.24 13.41
C LEU A 143 -33.63 13.70 13.53
N ASN A 144 -34.03 14.00 14.76
CA ASN A 144 -35.40 14.40 15.09
C ASN A 144 -35.30 15.76 15.75
N TRP A 145 -35.71 16.80 15.02
CA TRP A 145 -35.70 18.16 15.55
C TRP A 145 -36.90 18.37 16.47
N LEU A 146 -36.62 18.48 17.78
CA LEU A 146 -37.66 18.59 18.81
C LEU A 146 -37.97 20.06 19.15
N THR A 147 -39.24 20.43 18.92
CA THR A 147 -39.81 21.79 19.17
C THR A 147 -40.98 21.72 20.20
N HIS A 148 -41.63 22.86 20.50
CA HIS A 148 -42.72 22.93 21.53
C HIS A 148 -43.97 22.08 21.28
N LEU A 149 -44.86 22.03 22.29
CA LEU A 149 -46.27 21.60 22.09
C LEU A 149 -47.22 22.64 22.70
N LYS A 150 -47.92 23.39 21.84
CA LYS A 150 -48.82 24.49 22.22
C LYS A 150 -48.13 25.60 23.03
N PHE A 151 -47.09 26.18 22.42
CA PHE A 151 -46.23 27.21 23.02
C PHE A 151 -45.83 26.94 24.49
N LYS A 152 -45.45 25.70 24.78
CA LYS A 152 -44.95 25.28 26.11
C LYS A 152 -43.97 24.10 25.99
N TYR A 153 -43.23 23.83 27.07
CA TYR A 153 -42.04 22.97 27.02
C TYR A 153 -41.58 22.61 28.45
N PRO A 154 -41.75 21.33 28.89
CA PRO A 154 -41.28 20.91 30.23
C PRO A 154 -39.91 20.20 30.19
N ALA A 155 -39.43 19.78 31.36
CA ALA A 155 -38.12 19.14 31.49
C ALA A 155 -38.15 17.67 31.03
N LEU A 156 -37.53 17.39 29.87
CA LEU A 156 -37.41 16.02 29.34
C LEU A 156 -36.42 15.17 30.11
N ASN A 157 -36.66 13.86 30.11
CA ASN A 157 -35.86 12.90 30.89
C ASN A 157 -36.09 11.48 30.33
N VAL A 158 -35.63 11.27 29.08
CA VAL A 158 -35.86 10.03 28.34
C VAL A 158 -34.65 9.10 28.42
N THR A 159 -34.94 7.82 28.58
CA THR A 159 -33.95 6.78 28.86
C THR A 159 -34.08 5.65 27.83
N MET A 160 -32.96 5.00 27.52
CA MET A 160 -32.90 3.96 26.47
C MET A 160 -31.71 3.02 26.69
N PRO A 161 -31.98 1.75 27.09
CA PRO A 161 -30.90 0.83 27.42
C PRO A 161 -30.39 0.02 26.23
N ASN A 162 -29.10 -0.30 26.28
CA ASN A 162 -28.45 -1.13 25.28
C ASN A 162 -28.33 -2.53 25.85
N ASN A 163 -29.24 -3.41 25.41
CA ASN A 163 -29.22 -4.84 25.76
C ASN A 163 -28.66 -5.71 24.63
N GLU A 164 -27.97 -5.08 23.66
CA GLU A 164 -27.37 -5.78 22.54
C GLU A 164 -25.96 -6.26 22.88
N LYS A 165 -25.33 -6.96 21.94
CA LYS A 165 -23.96 -7.48 22.11
C LYS A 165 -22.85 -6.56 21.53
N PHE A 166 -23.26 -5.47 20.89
CA PHE A 166 -22.34 -4.56 20.21
C PHE A 166 -22.50 -3.20 20.86
N ASP A 167 -21.50 -2.34 20.66
CA ASP A 167 -21.62 -0.92 21.00
C ASP A 167 -22.72 -0.30 20.12
N LYS A 168 -23.54 0.57 20.71
CA LYS A 168 -24.45 1.45 19.97
C LYS A 168 -23.79 2.81 19.79
N LEU A 169 -23.90 3.36 18.58
CA LEU A 169 -23.47 4.71 18.27
C LEU A 169 -24.68 5.61 18.10
N TYR A 170 -24.80 6.63 18.96
CA TYR A 170 -25.89 7.59 18.90
C TYR A 170 -25.36 8.92 18.40
N ILE A 171 -25.95 9.42 17.32
CA ILE A 171 -25.66 10.76 16.80
C ILE A 171 -26.80 11.70 17.19
N TRP A 172 -26.43 12.85 17.74
CA TRP A 172 -27.38 13.86 18.23
C TRP A 172 -26.74 15.23 18.16
N GLY A 173 -27.53 16.26 18.43
CA GLY A 173 -27.02 17.62 18.38
C GLY A 173 -27.81 18.69 19.10
N VAL A 174 -27.34 19.93 18.89
CA VAL A 174 -27.88 21.12 19.51
C VAL A 174 -28.17 22.14 18.43
N HIS A 175 -29.33 22.79 18.51
CA HIS A 175 -29.63 23.95 17.68
C HIS A 175 -29.13 25.22 18.36
N HIS A 176 -28.62 26.14 17.54
CA HIS A 176 -28.18 27.46 17.97
C HIS A 176 -29.02 28.51 17.19
N PRO A 177 -30.14 28.99 17.80
CA PRO A 177 -31.11 29.84 17.05
C PRO A 177 -30.58 31.20 16.57
N VAL A 178 -31.20 31.73 15.52
CA VAL A 178 -30.70 32.92 14.80
C VAL A 178 -30.83 34.17 15.68
N THR A 179 -32.02 34.39 16.22
CA THR A 179 -32.35 35.59 16.99
C THR A 179 -33.36 35.21 18.11
N ASP A 180 -34.14 36.18 18.61
CA ASP A 180 -35.34 35.92 19.41
C ASP A 180 -36.64 35.72 18.57
N ASN A 181 -36.54 35.83 17.24
CA ASN A 181 -37.59 35.35 16.31
C ASN A 181 -37.69 33.82 16.26
N ASP A 182 -36.57 33.14 16.57
CA ASP A 182 -36.50 31.66 16.66
C ASP A 182 -36.15 31.14 18.07
N GLN A 183 -36.26 32.00 19.08
CA GLN A 183 -36.14 31.63 20.50
C GLN A 183 -37.52 31.42 21.15
N ILE A 184 -38.51 32.21 20.74
CA ILE A 184 -39.91 32.13 21.25
C ILE A 184 -40.88 31.42 20.27
N PHE A 185 -40.44 31.14 19.04
CA PHE A 185 -41.27 30.44 18.03
C PHE A 185 -41.23 28.90 18.16
N PRO A 186 -40.03 28.26 18.15
CA PRO A 186 -39.98 26.78 18.25
C PRO A 186 -39.76 26.14 19.66
N TYR A 187 -39.39 26.91 20.68
CA TYR A 187 -39.12 26.37 22.05
C TYR A 187 -39.93 27.00 23.21
N ALA A 188 -40.37 28.25 23.05
CA ALA A 188 -41.36 28.91 23.93
C ALA A 188 -40.86 29.31 25.33
N GLN A 189 -39.62 29.79 25.42
CA GLN A 189 -39.01 30.22 26.69
C GLN A 189 -37.70 31.01 26.48
N ALA A 190 -37.04 31.41 27.56
CA ALA A 190 -35.78 32.19 27.51
C ALA A 190 -34.49 31.36 27.30
N SER A 191 -34.39 30.18 27.92
CA SER A 191 -33.12 29.44 28.05
C SER A 191 -33.27 27.93 27.80
N GLY A 192 -32.15 27.27 27.48
CA GLY A 192 -32.14 25.82 27.16
C GLY A 192 -30.84 25.08 27.50
N ARG A 193 -30.89 23.75 27.44
CA ARG A 193 -29.74 22.87 27.77
C ARG A 193 -30.01 21.42 27.35
N ILE A 194 -28.93 20.69 27.04
CA ILE A 194 -28.97 19.28 26.66
C ILE A 194 -27.88 18.51 27.41
N THR A 195 -28.26 17.44 28.10
CA THR A 195 -27.31 16.56 28.83
C THR A 195 -27.47 15.08 28.42
N VAL A 196 -26.58 14.59 27.55
CA VAL A 196 -26.65 13.20 27.07
C VAL A 196 -25.62 12.31 27.78
N SER A 197 -26.12 11.43 28.64
CA SER A 197 -25.30 10.65 29.59
C SER A 197 -25.49 9.13 29.53
N THR A 198 -24.54 8.42 30.13
CA THR A 198 -24.59 6.95 30.30
C THR A 198 -24.22 6.60 31.75
N LYS A 199 -24.01 5.31 32.04
CA LYS A 199 -23.39 4.91 33.32
C LYS A 199 -21.92 5.39 33.42
N ARG A 200 -21.22 5.47 32.29
CA ARG A 200 -19.79 5.79 32.24
C ARG A 200 -19.44 7.14 31.56
N SER A 201 -20.44 7.87 31.06
CA SER A 201 -20.18 9.09 30.27
C SER A 201 -21.26 10.16 30.49
N GLN A 202 -20.83 11.43 30.37
CA GLN A 202 -21.73 12.58 30.44
C GLN A 202 -21.20 13.71 29.53
N GLN A 203 -22.04 14.17 28.61
CA GLN A 203 -21.79 15.38 27.81
C GLN A 203 -22.97 16.31 28.00
N THR A 204 -22.70 17.57 28.36
CA THR A 204 -23.72 18.61 28.43
C THR A 204 -23.37 19.70 27.41
N VAL A 205 -24.39 20.32 26.81
CA VAL A 205 -24.19 21.36 25.79
C VAL A 205 -25.21 22.51 25.94
N ILE A 206 -24.69 23.74 25.94
CA ILE A 206 -25.47 24.98 26.11
C ILE A 206 -25.76 25.57 24.70
N PRO A 207 -27.03 25.83 24.35
CA PRO A 207 -27.30 26.51 23.07
C PRO A 207 -26.86 27.98 23.05
N ASN A 208 -26.88 28.57 21.87
CA ASN A 208 -26.36 29.92 21.65
C ASN A 208 -27.29 30.73 20.75
N ILE A 209 -27.77 31.85 21.24
CA ILE A 209 -28.55 32.79 20.42
C ILE A 209 -27.55 33.67 19.65
N GLY A 210 -27.70 33.71 18.33
CA GLY A 210 -26.79 34.50 17.50
C GLY A 210 -26.84 34.10 16.04
N SER A 211 -26.79 35.11 15.16
CA SER A 211 -26.72 34.89 13.72
C SER A 211 -25.29 34.52 13.33
N ARG A 212 -25.14 33.50 12.48
CA ARG A 212 -23.86 33.17 11.82
C ARG A 212 -23.91 33.69 10.36
N PRO A 213 -22.75 33.68 9.66
CA PRO A 213 -22.76 33.92 8.22
C PRO A 213 -23.61 32.86 7.50
N ARG A 214 -24.39 33.29 6.51
CA ARG A 214 -25.32 32.39 5.82
C ARG A 214 -24.61 31.31 4.98
N VAL A 215 -25.12 30.08 5.08
CA VAL A 215 -24.63 28.93 4.31
C VAL A 215 -25.86 28.31 3.65
N ARG A 216 -25.97 28.47 2.33
CA ARG A 216 -27.19 28.17 1.56
C ARG A 216 -28.38 28.95 2.14
N ASN A 217 -28.12 30.23 2.42
CA ASN A 217 -29.08 31.22 2.93
C ASN A 217 -29.73 30.98 4.32
N ILE A 218 -29.15 30.08 5.15
CA ILE A 218 -29.57 29.87 6.56
C ILE A 218 -28.45 30.37 7.50
N PRO A 219 -28.78 31.25 8.48
CA PRO A 219 -27.73 31.75 9.37
C PRO A 219 -27.65 31.05 10.75
N SER A 220 -28.52 30.09 11.02
CA SER A 220 -28.42 29.29 12.24
C SER A 220 -27.47 28.12 11.98
N ARG A 221 -27.07 27.44 13.04
CA ARG A 221 -26.21 26.24 12.96
C ARG A 221 -26.71 25.13 13.87
N ILE A 222 -26.36 23.90 13.52
CA ILE A 222 -26.51 22.75 14.40
C ILE A 222 -25.09 22.27 14.73
N SER A 223 -24.87 21.81 15.96
CA SER A 223 -23.60 21.23 16.38
C SER A 223 -23.82 19.74 16.69
N ILE A 224 -23.10 18.88 15.95
CA ILE A 224 -23.29 17.43 16.03
C ILE A 224 -22.31 16.82 17.03
N TYR A 225 -22.81 15.93 17.88
CA TYR A 225 -22.03 15.21 18.89
C TYR A 225 -22.38 13.73 18.83
N TRP A 226 -21.61 12.90 19.50
CA TRP A 226 -21.89 11.47 19.51
C TRP A 226 -21.62 10.86 20.86
N THR A 227 -22.21 9.67 21.05
CA THR A 227 -22.13 8.91 22.30
C THR A 227 -22.15 7.42 21.98
N ILE A 228 -21.18 6.69 22.50
CA ILE A 228 -21.11 5.24 22.34
C ILE A 228 -21.69 4.60 23.60
N VAL A 229 -22.65 3.70 23.45
CA VAL A 229 -23.28 3.05 24.58
C VAL A 229 -22.97 1.55 24.51
N LYS A 230 -22.17 1.09 25.46
CA LYS A 230 -21.71 -0.32 25.49
C LYS A 230 -22.81 -1.29 25.95
N PRO A 231 -22.60 -2.61 25.77
CA PRO A 231 -23.55 -3.62 26.27
C PRO A 231 -23.78 -3.60 27.79
N GLY A 232 -25.04 -3.63 28.20
CA GLY A 232 -25.41 -3.57 29.63
C GLY A 232 -25.63 -2.15 30.16
N ASP A 233 -25.41 -1.18 29.30
CA ASP A 233 -25.33 0.23 29.67
C ASP A 233 -26.59 0.93 29.16
N ILE A 234 -26.75 2.20 29.50
CA ILE A 234 -27.97 2.96 29.24
C ILE A 234 -27.63 4.37 28.79
N LEU A 235 -28.41 4.89 27.83
CA LEU A 235 -28.31 6.27 27.38
C LEU A 235 -29.40 7.06 28.09
N LEU A 236 -29.08 8.23 28.66
CA LEU A 236 -30.07 9.14 29.26
C LEU A 236 -29.95 10.55 28.67
N ILE A 237 -31.09 11.13 28.31
CA ILE A 237 -31.13 12.46 27.76
C ILE A 237 -32.00 13.35 28.66
N ASN A 238 -31.37 14.28 29.38
CA ASN A 238 -32.04 15.39 30.07
C ASN A 238 -32.03 16.60 29.11
N SER A 239 -33.22 17.04 28.68
CA SER A 239 -33.34 18.21 27.80
C SER A 239 -34.33 19.19 28.37
N THR A 240 -33.97 20.47 28.29
CA THR A 240 -34.89 21.57 28.62
C THR A 240 -34.99 22.52 27.42
N GLY A 241 -34.85 21.98 26.21
CA GLY A 241 -34.83 22.78 24.98
C GLY A 241 -33.69 22.42 24.03
N ASN A 242 -33.93 22.68 22.75
CA ASN A 242 -32.91 22.70 21.67
C ASN A 242 -32.37 21.35 21.17
N LEU A 243 -32.92 20.24 21.66
CA LEU A 243 -32.36 18.92 21.34
C LEU A 243 -32.63 18.56 19.90
N ILE A 244 -31.55 18.20 19.19
CA ILE A 244 -31.62 17.52 17.91
C ILE A 244 -31.33 16.07 18.26
N ALA A 245 -32.39 15.28 18.32
CA ALA A 245 -32.36 13.98 18.99
C ALA A 245 -32.12 12.84 18.02
N PRO A 246 -31.52 11.75 18.51
CA PRO A 246 -31.38 10.57 17.66
C PRO A 246 -32.74 9.93 17.42
N ARG A 247 -32.95 9.37 16.24
CA ARG A 247 -34.11 8.52 15.96
C ARG A 247 -33.81 7.02 16.22
N GLY A 248 -32.65 6.74 16.79
CA GLY A 248 -32.15 5.39 17.00
C GLY A 248 -30.63 5.39 17.06
N TYR A 249 -30.03 4.25 16.74
CA TYR A 249 -28.57 4.07 16.83
C TYR A 249 -28.00 3.41 15.60
N PHE A 250 -26.70 3.62 15.41
CA PHE A 250 -25.91 2.92 14.40
C PHE A 250 -25.19 1.77 15.08
N LYS A 251 -25.09 0.65 14.38
CA LYS A 251 -24.22 -0.45 14.77
C LYS A 251 -22.79 -0.01 14.62
N ILE A 252 -21.97 -0.27 15.63
CA ILE A 252 -20.53 -0.17 15.51
C ILE A 252 -20.01 -1.58 15.28
N ARG A 253 -19.20 -1.75 14.22
CA ARG A 253 -18.47 -2.99 13.97
C ARG A 253 -16.98 -2.77 14.04
N SER A 254 -16.24 -3.86 14.23
CA SER A 254 -14.80 -3.85 14.05
C SER A 254 -14.45 -4.67 12.84
N GLY A 255 -13.50 -4.14 12.06
CA GLY A 255 -12.99 -4.84 10.89
C GLY A 255 -11.99 -4.00 10.11
N LYS A 256 -11.89 -4.31 8.82
CA LYS A 256 -10.81 -3.80 7.98
C LYS A 256 -11.22 -2.54 7.20
N SER A 257 -12.35 -1.91 7.53
CA SER A 257 -12.89 -0.88 6.67
C SER A 257 -12.19 0.45 6.85
N SER A 258 -12.24 1.28 5.81
CA SER A 258 -11.67 2.61 5.86
C SER A 258 -12.35 3.55 4.86
N ILE A 259 -11.75 4.74 4.72
CA ILE A 259 -12.23 5.80 3.86
C ILE A 259 -11.00 6.38 3.18
N MET A 260 -11.19 6.90 1.98
CA MET A 260 -10.13 7.47 1.19
C MET A 260 -10.69 8.62 0.36
N ARG A 261 -9.95 9.72 0.28
CA ARG A 261 -10.27 10.82 -0.61
C ARG A 261 -9.59 10.61 -1.96
N SER A 262 -10.42 10.55 -3.01
CA SER A 262 -9.95 10.32 -4.37
C SER A 262 -10.99 10.75 -5.38
N ASP A 263 -10.53 11.29 -6.50
CA ASP A 263 -11.39 11.53 -7.65
C ASP A 263 -11.22 10.52 -8.78
N ALA A 264 -10.53 9.41 -8.51
CA ALA A 264 -10.35 8.38 -9.53
C ALA A 264 -11.67 7.66 -9.82
N PRO A 265 -11.98 7.42 -11.09
CA PRO A 265 -13.20 6.66 -11.39
C PRO A 265 -13.12 5.19 -10.95
N ILE A 266 -14.28 4.61 -10.65
CA ILE A 266 -14.36 3.22 -10.25
C ILE A 266 -14.45 2.39 -11.52
N GLY A 267 -13.57 1.41 -11.67
CA GLY A 267 -13.58 0.54 -12.84
C GLY A 267 -14.02 -0.85 -12.46
N LYS A 268 -14.41 -1.61 -13.47
CA LYS A 268 -14.78 -3.01 -13.29
C LYS A 268 -13.52 -3.80 -13.60
N CYS A 269 -12.78 -4.09 -12.53
CA CYS A 269 -11.52 -4.78 -12.61
C CYS A 269 -11.17 -5.24 -11.19
N ASN A 270 -10.10 -6.02 -11.07
CA ASN A 270 -9.73 -6.69 -9.85
C ASN A 270 -8.32 -6.32 -9.49
N SER A 271 -8.15 -5.60 -8.39
CA SER A 271 -6.82 -5.27 -7.91
C SER A 271 -6.82 -5.12 -6.40
N GLU A 272 -5.88 -5.82 -5.76
CA GLU A 272 -5.77 -5.87 -4.31
C GLU A 272 -5.45 -4.51 -3.70
N CYS A 273 -4.66 -3.68 -4.40
CA CYS A 273 -4.08 -2.46 -3.78
C CYS A 273 -4.69 -1.23 -4.38
N ILE A 274 -5.23 -0.38 -3.51
CA ILE A 274 -5.87 0.87 -3.88
C ILE A 274 -5.06 2.05 -3.35
N THR A 275 -4.79 3.01 -4.25
CA THR A 275 -4.31 4.35 -3.87
C THR A 275 -5.32 5.36 -4.36
N PRO A 276 -5.22 6.63 -3.90
CA PRO A 276 -6.01 7.73 -4.46
C PRO A 276 -5.83 8.01 -5.96
N ASN A 277 -4.73 7.55 -6.54
CA ASN A 277 -4.47 7.72 -7.96
C ASN A 277 -5.15 6.63 -8.80
N GLY A 278 -5.72 5.65 -8.12
CA GLY A 278 -6.19 4.44 -8.77
C GLY A 278 -5.52 3.25 -8.14
N SER A 279 -6.00 2.07 -8.51
CA SER A 279 -5.38 0.85 -8.09
C SER A 279 -3.99 0.69 -8.71
N ILE A 280 -3.14 -0.09 -8.07
CA ILE A 280 -1.80 -0.39 -8.57
C ILE A 280 -1.53 -1.88 -8.39
N PRO A 281 -0.71 -2.46 -9.28
CA PRO A 281 -0.29 -3.83 -9.02
C PRO A 281 0.62 -3.92 -7.80
N ASN A 282 0.64 -5.11 -7.20
CA ASN A 282 1.39 -5.35 -5.97
C ASN A 282 2.41 -6.50 -6.10
N ASP A 283 2.82 -6.81 -7.33
CA ASP A 283 4.00 -7.66 -7.52
C ASP A 283 5.27 -7.03 -6.89
N LYS A 284 5.47 -5.72 -6.99
CA LYS A 284 6.70 -5.14 -6.49
C LYS A 284 6.63 -4.92 -5.00
N PRO A 285 7.77 -4.93 -4.30
CA PRO A 285 7.77 -4.74 -2.87
C PRO A 285 7.66 -3.27 -2.44
N PHE A 286 7.93 -2.34 -3.34
CA PHE A 286 7.89 -0.91 -3.06
C PHE A 286 7.07 -0.16 -4.10
N GLN A 287 6.69 1.07 -3.77
CA GLN A 287 5.91 1.91 -4.68
C GLN A 287 6.11 3.37 -4.38
N ASN A 288 6.11 4.23 -5.40
CA ASN A 288 6.15 5.66 -5.15
C ASN A 288 4.96 6.40 -5.73
N VAL A 289 3.82 5.72 -5.75
CA VAL A 289 2.62 6.30 -6.29
C VAL A 289 1.93 7.15 -5.23
N ASN A 290 1.69 6.59 -4.07
CA ASN A 290 1.05 7.36 -3.00
C ASN A 290 1.32 6.77 -1.64
N ARG A 291 1.52 7.65 -0.67
CA ARG A 291 1.65 7.24 0.72
C ARG A 291 0.31 6.74 1.30
N ILE A 292 -0.80 7.17 0.70
CA ILE A 292 -2.12 6.68 1.09
C ILE A 292 -2.40 5.41 0.29
N THR A 293 -2.63 4.31 1.00
CA THR A 293 -2.94 3.03 0.37
C THR A 293 -4.04 2.29 1.15
N TYR A 294 -4.68 1.35 0.49
CA TYR A 294 -5.60 0.42 1.13
C TYR A 294 -5.40 -0.94 0.50
N GLY A 295 -5.26 -1.96 1.32
CA GLY A 295 -5.18 -3.35 0.87
C GLY A 295 -3.76 -3.89 0.89
N ALA A 296 -3.52 -4.92 0.11
CA ALA A 296 -2.23 -5.55 0.05
C ALA A 296 -1.41 -4.74 -0.93
N CYS A 297 -0.59 -3.86 -0.40
CA CYS A 297 0.12 -2.87 -1.20
C CYS A 297 1.63 -2.95 -1.04
N PRO A 298 2.35 -2.59 -2.09
CA PRO A 298 3.78 -2.34 -1.85
C PRO A 298 4.00 -1.18 -0.85
N ARG A 299 5.13 -1.16 -0.17
CA ARG A 299 5.40 -0.10 0.79
C ARG A 299 5.86 1.16 0.09
N TYR A 300 5.36 2.30 0.57
CA TYR A 300 5.71 3.57 -0.02
C TYR A 300 7.15 3.96 0.31
N VAL A 301 7.90 4.38 -0.71
CA VAL A 301 9.26 4.88 -0.58
C VAL A 301 9.42 6.09 -1.49
N LYS A 302 10.42 6.90 -1.19
CA LYS A 302 10.69 8.15 -1.93
C LYS A 302 11.30 7.94 -3.31
N GLN A 303 12.00 6.84 -3.54
CA GLN A 303 12.71 6.61 -4.80
C GLN A 303 11.70 6.30 -5.91
N ASN A 304 11.95 6.85 -7.09
CA ASN A 304 11.28 6.56 -8.39
C ASN A 304 11.52 5.18 -8.91
N THR A 305 12.72 4.70 -8.69
CA THR A 305 13.20 3.47 -9.28
C THR A 305 14.22 2.84 -8.34
N LEU A 306 14.22 1.53 -8.27
CA LEU A 306 15.26 0.77 -7.62
C LEU A 306 15.43 -0.57 -8.35
N LYS A 307 16.54 -0.69 -9.08
CA LYS A 307 16.79 -1.84 -9.92
C LYS A 307 17.56 -2.92 -9.16
N LEU A 308 16.99 -4.12 -9.07
CA LEU A 308 17.67 -5.27 -8.51
C LEU A 308 18.31 -6.05 -9.64
N ALA A 309 19.63 -6.30 -9.54
CA ALA A 309 20.30 -7.12 -10.53
C ALA A 309 19.76 -8.55 -10.51
N THR A 310 19.50 -9.05 -11.70
CA THR A 310 19.10 -10.43 -11.90
C THR A 310 20.07 -11.11 -12.88
N GLY A 311 21.28 -10.57 -12.96
CA GLY A 311 22.30 -11.12 -13.83
C GLY A 311 23.68 -10.66 -13.36
N MET A 312 24.70 -11.32 -13.91
CA MET A 312 26.07 -10.96 -13.64
C MET A 312 26.47 -9.60 -14.21
N ARG A 313 27.64 -9.12 -13.77
CA ARG A 313 28.26 -7.95 -14.36
C ARG A 313 28.37 -8.14 -15.88
N ASN A 314 28.00 -7.12 -16.65
CA ASN A 314 28.08 -7.15 -18.12
C ASN A 314 29.43 -6.61 -18.57
N VAL A 315 30.20 -7.44 -19.28
CA VAL A 315 31.55 -7.04 -19.71
C VAL A 315 31.60 -7.29 -21.20
N PRO A 316 31.09 -6.34 -22.00
CA PRO A 316 30.91 -6.59 -23.42
C PRO A 316 32.20 -6.76 -24.23
N GLU A 317 32.00 -7.36 -25.42
CA GLU A 317 33.05 -8.02 -26.21
C GLU A 317 33.85 -7.01 -27.03
N GLY B 1 33.33 -8.99 -8.73
CA GLY B 1 34.71 -8.55 -8.51
C GLY B 1 35.42 -9.35 -7.41
N ILE B 2 34.71 -9.89 -6.43
CA ILE B 2 35.39 -10.38 -5.23
C ILE B 2 36.24 -11.66 -5.48
N PHE B 3 35.87 -12.45 -6.48
CA PHE B 3 36.66 -13.64 -6.89
C PHE B 3 37.65 -13.43 -8.01
N GLY B 4 37.51 -12.36 -8.76
CA GLY B 4 38.56 -11.97 -9.68
C GLY B 4 38.45 -12.61 -11.04
N ALA B 5 37.35 -13.31 -11.31
CA ALA B 5 37.14 -13.99 -12.58
C ALA B 5 36.44 -13.05 -13.58
N ILE B 6 35.17 -12.72 -13.32
CA ILE B 6 34.37 -11.89 -14.22
C ILE B 6 34.90 -10.51 -14.07
N ALA B 7 35.10 -9.82 -15.19
CA ALA B 7 35.82 -8.54 -15.21
C ALA B 7 37.16 -8.58 -14.46
N GLY B 8 37.82 -9.74 -14.48
CA GLY B 8 39.14 -9.93 -13.88
C GLY B 8 39.99 -10.75 -14.85
N PHE B 9 40.43 -11.94 -14.45
CA PHE B 9 41.27 -12.75 -15.31
C PHE B 9 40.58 -13.21 -16.60
N ILE B 10 39.24 -13.32 -16.60
CA ILE B 10 38.52 -13.44 -17.85
CA ILE B 10 38.46 -13.45 -17.82
C ILE B 10 38.32 -12.02 -18.37
N GLU B 11 38.92 -11.71 -19.52
CA GLU B 11 38.94 -10.35 -20.06
C GLU B 11 37.55 -9.77 -20.33
N ASN B 12 36.67 -10.59 -20.91
CA ASN B 12 35.33 -10.16 -21.17
C ASN B 12 34.39 -11.33 -21.35
N GLY B 13 33.10 -10.99 -21.43
CA GLY B 13 32.05 -11.94 -21.70
C GLY B 13 31.90 -12.16 -23.18
N TRP B 14 31.07 -13.16 -23.49
CA TRP B 14 30.85 -13.67 -24.81
C TRP B 14 29.40 -13.37 -25.18
N GLU B 15 29.18 -12.36 -26.02
CA GLU B 15 27.83 -12.07 -26.54
C GLU B 15 27.25 -13.19 -27.37
N GLY B 16 28.11 -13.96 -28.03
CA GLY B 16 27.68 -15.12 -28.81
C GLY B 16 27.26 -16.34 -27.98
N MET B 17 27.38 -16.29 -26.65
CA MET B 17 26.83 -17.36 -25.83
C MET B 17 25.43 -16.99 -25.34
N VAL B 18 24.42 -17.61 -25.95
CA VAL B 18 23.02 -17.29 -25.72
C VAL B 18 22.25 -18.43 -25.04
N ASP B 19 22.87 -19.59 -24.82
CA ASP B 19 22.14 -20.73 -24.24
C ASP B 19 22.62 -21.09 -22.85
N GLY B 20 23.41 -20.19 -22.26
CA GLY B 20 23.87 -20.31 -20.91
C GLY B 20 24.62 -19.09 -20.44
N TRP B 21 24.89 -19.06 -19.15
CA TRP B 21 25.58 -17.95 -18.51
C TRP B 21 27.09 -18.16 -18.46
N TYR B 22 27.51 -19.42 -18.34
CA TYR B 22 28.89 -19.81 -18.30
C TYR B 22 29.08 -20.92 -19.30
N GLY B 23 30.30 -21.09 -19.79
CA GLY B 23 30.58 -22.17 -20.72
C GLY B 23 32.03 -22.28 -21.14
N PHE B 24 32.24 -23.02 -22.21
CA PHE B 24 33.55 -23.41 -22.68
C PHE B 24 33.71 -23.05 -24.14
N ARG B 25 34.87 -22.49 -24.48
CA ARG B 25 35.29 -22.39 -25.87
C ARG B 25 36.57 -23.18 -26.05
N HIS B 26 36.74 -23.80 -27.21
CA HIS B 26 37.89 -24.66 -27.46
C HIS B 26 38.41 -24.47 -28.85
N GLN B 27 39.71 -24.73 -28.98
CA GLN B 27 40.35 -24.95 -30.26
C GLN B 27 41.10 -26.29 -30.22
N ASN B 28 40.84 -27.15 -31.20
CA ASN B 28 41.47 -28.44 -31.30
C ASN B 28 41.73 -28.68 -32.78
N SER B 29 42.16 -29.89 -33.15
CA SER B 29 42.40 -30.25 -34.55
C SER B 29 41.16 -30.15 -35.44
N GLU B 30 39.98 -30.45 -34.86
CA GLU B 30 38.69 -30.45 -35.56
C GLU B 30 37.97 -29.08 -35.68
N GLY B 31 38.58 -27.99 -35.20
CA GLY B 31 37.98 -26.66 -35.27
C GLY B 31 37.91 -25.86 -33.98
N ILE B 32 37.06 -24.83 -33.96
CA ILE B 32 36.88 -23.94 -32.80
C ILE B 32 35.42 -23.91 -32.42
N GLY B 33 35.11 -24.17 -31.16
CA GLY B 33 33.70 -24.25 -30.74
C GLY B 33 33.37 -23.73 -29.36
N GLN B 34 32.07 -23.75 -29.09
CA GLN B 34 31.49 -23.22 -27.88
C GLN B 34 30.38 -24.15 -27.39
N ALA B 35 30.28 -24.30 -26.08
CA ALA B 35 29.15 -24.98 -25.46
C ALA B 35 28.94 -24.38 -24.07
N ALA B 36 27.68 -24.12 -23.74
CA ALA B 36 27.30 -23.60 -22.42
C ALA B 36 27.38 -24.68 -21.36
N ASP B 37 27.69 -24.30 -20.12
CA ASP B 37 27.64 -25.20 -18.96
C ASP B 37 26.31 -24.97 -18.23
N LEU B 38 25.48 -26.00 -18.15
CA LEU B 38 24.12 -25.87 -17.57
C LEU B 38 24.15 -25.79 -16.05
N LYS B 39 24.92 -26.66 -15.41
CA LYS B 39 24.95 -26.74 -13.95
C LYS B 39 25.37 -25.41 -13.28
N SER B 40 26.43 -24.77 -13.79
CA SER B 40 26.87 -23.49 -13.21
C SER B 40 25.88 -22.37 -13.53
N THR B 41 25.39 -22.36 -14.77
CA THR B 41 24.33 -21.45 -15.17
C THR B 41 23.12 -21.55 -14.24
N GLN B 42 22.69 -22.77 -13.96
CA GLN B 42 21.47 -23.00 -13.19
C GLN B 42 21.76 -22.67 -11.73
N ALA B 43 22.98 -22.96 -11.27
CA ALA B 43 23.37 -22.61 -9.90
C ALA B 43 23.19 -21.11 -9.65
N ALA B 44 23.67 -20.30 -10.58
CA ALA B 44 23.52 -18.85 -10.53
C ALA B 44 22.06 -18.44 -10.58
N ILE B 45 21.34 -18.94 -11.57
CA ILE B 45 19.91 -18.62 -11.75
C ILE B 45 19.05 -18.99 -10.54
N ASP B 46 19.28 -20.15 -9.94
CA ASP B 46 18.53 -20.54 -8.75
C ASP B 46 18.71 -19.57 -7.55
N GLN B 47 19.92 -19.06 -7.39
CA GLN B 47 20.24 -18.17 -6.30
C GLN B 47 19.54 -16.83 -6.50
N ILE B 48 19.59 -16.31 -7.73
CA ILE B 48 18.89 -15.09 -8.08
C ILE B 48 17.39 -15.28 -7.92
N ASN B 49 16.84 -16.42 -8.37
CA ASN B 49 15.42 -16.70 -8.15
C ASN B 49 15.07 -16.76 -6.68
N GLY B 50 15.99 -17.27 -5.87
CA GLY B 50 15.83 -17.27 -4.42
C GLY B 50 15.63 -15.88 -3.85
N LYS B 51 16.47 -14.95 -4.30
CA LYS B 51 16.33 -13.56 -3.88
C LYS B 51 15.04 -12.98 -4.37
N LEU B 52 14.71 -13.22 -5.64
CA LEU B 52 13.43 -12.74 -6.15
C LEU B 52 12.22 -13.25 -5.35
N ASN B 53 12.24 -14.52 -4.94
CA ASN B 53 11.11 -15.09 -4.23
CA ASN B 53 11.15 -15.15 -4.19
C ASN B 53 10.82 -14.41 -2.89
N ARG B 54 11.86 -13.98 -2.19
CA ARG B 54 11.68 -13.18 -0.99
C ARG B 54 11.16 -11.77 -1.26
N LEU B 55 11.32 -11.22 -2.47
CA LEU B 55 11.00 -9.83 -2.77
C LEU B 55 9.75 -9.59 -3.61
N ILE B 56 9.48 -10.46 -4.58
CA ILE B 56 8.30 -10.33 -5.46
C ILE B 56 7.07 -11.00 -4.83
N GLY B 57 5.93 -10.32 -4.89
CA GLY B 57 4.63 -10.86 -4.47
C GLY B 57 4.43 -11.10 -2.97
N LYS B 58 5.12 -10.33 -2.13
CA LYS B 58 5.21 -10.62 -0.68
C LYS B 58 4.54 -9.56 0.21
N THR B 59 3.63 -8.78 -0.36
CA THR B 59 3.19 -7.52 0.26
C THR B 59 2.43 -7.66 1.56
N ASN B 60 2.31 -6.54 2.27
CA ASN B 60 1.62 -6.46 3.55
C ASN B 60 0.35 -5.63 3.45
N GLU B 61 -0.74 -6.21 3.92
CA GLU B 61 -2.02 -5.57 4.00
C GLU B 61 -2.15 -4.57 5.11
N LYS B 62 -2.58 -3.37 4.76
CA LYS B 62 -2.99 -2.39 5.74
C LYS B 62 -4.33 -1.85 5.32
N PHE B 63 -5.07 -1.42 6.33
CA PHE B 63 -6.46 -1.02 6.17
C PHE B 63 -6.62 0.39 6.71
N HIS B 64 -7.44 0.62 7.73
CA HIS B 64 -7.54 1.96 8.31
C HIS B 64 -6.24 2.37 8.98
N GLN B 65 -5.79 3.57 8.64
CA GLN B 65 -4.51 4.10 9.11
CA GLN B 65 -4.50 4.11 9.10
C GLN B 65 -4.77 5.54 9.55
N ILE B 66 -3.76 6.37 9.65
CA ILE B 66 -3.97 7.80 9.88
C ILE B 66 -4.16 8.55 8.57
N GLU B 67 -4.71 9.75 8.68
CA GLU B 67 -4.82 10.68 7.58
C GLU B 67 -3.41 11.19 7.26
N LYS B 68 -3.13 11.43 5.99
CA LYS B 68 -1.82 11.86 5.53
C LYS B 68 -1.83 13.12 4.69
N GLU B 69 -3.01 13.68 4.45
CA GLU B 69 -3.16 14.97 3.76
C GLU B 69 -4.14 15.78 4.57
N PHE B 70 -3.96 17.10 4.58
CA PHE B 70 -4.76 17.98 5.40
C PHE B 70 -5.11 19.24 4.67
N SER B 71 -6.35 19.68 4.83
CA SER B 71 -6.86 20.88 4.19
C SER B 71 -6.90 22.09 5.16
N GLU B 72 -6.85 21.85 6.47
CA GLU B 72 -6.80 22.93 7.48
C GLU B 72 -5.48 22.94 8.22
N VAL B 73 -5.11 24.13 8.67
CA VAL B 73 -4.03 24.31 9.62
C VAL B 73 -4.56 23.96 11.00
N GLU B 74 -3.90 23.04 11.70
CA GLU B 74 -4.34 22.57 13.03
C GLU B 74 -3.29 22.61 14.15
N GLY B 75 -2.02 22.53 13.80
CA GLY B 75 -0.97 22.53 14.81
C GLY B 75 -0.63 21.16 15.37
N ARG B 76 -0.47 21.11 16.70
CA ARG B 76 0.21 20.03 17.39
C ARG B 76 -0.10 18.61 16.90
N ILE B 77 -1.37 18.24 16.86
CA ILE B 77 -1.74 16.88 16.51
C ILE B 77 -1.42 16.59 15.04
N GLN B 78 -1.63 17.56 14.16
CA GLN B 78 -1.30 17.41 12.75
C GLN B 78 0.21 17.31 12.52
N ASP B 79 0.98 18.07 13.31
CA ASP B 79 2.44 17.99 13.29
C ASP B 79 2.89 16.55 13.56
N LEU B 80 2.30 15.92 14.58
CA LEU B 80 2.67 14.59 14.99
C LEU B 80 2.27 13.58 13.90
N GLU B 81 1.08 13.75 13.32
CA GLU B 81 0.63 12.85 12.23
C GLU B 81 1.58 12.89 11.01
N LYS B 82 1.95 14.08 10.56
CA LYS B 82 2.88 14.24 9.46
C LYS B 82 4.27 13.70 9.80
N TYR B 83 4.72 13.98 11.03
CA TYR B 83 6.03 13.57 11.46
C TYR B 83 6.14 12.07 11.50
N VAL B 84 5.09 11.41 11.99
CA VAL B 84 5.08 9.96 12.07
C VAL B 84 5.17 9.36 10.67
N GLU B 85 4.47 9.94 9.72
CA GLU B 85 4.43 9.38 8.39
C GLU B 85 5.73 9.66 7.69
N ASP B 86 6.27 10.87 7.86
CA ASP B 86 7.52 11.24 7.24
C ASP B 86 8.68 10.37 7.80
N THR B 87 8.68 10.16 9.12
CA THR B 87 9.59 9.23 9.76
C THR B 87 9.55 7.82 9.18
N LYS B 88 8.35 7.27 9.09
CA LYS B 88 8.12 5.95 8.53
C LYS B 88 8.66 5.83 7.13
N ILE B 89 8.33 6.81 6.28
CA ILE B 89 8.73 6.76 4.89
C ILE B 89 10.23 6.82 4.74
N ASP B 90 10.91 7.64 5.54
CA ASP B 90 12.35 7.68 5.47
C ASP B 90 12.95 6.32 5.88
N LEU B 91 12.37 5.65 6.86
CA LEU B 91 12.96 4.41 7.32
C LEU B 91 12.79 3.31 6.29
N TRP B 92 11.61 3.22 5.70
CA TRP B 92 11.40 2.29 4.57
C TRP B 92 12.19 2.63 3.31
N SER B 93 12.33 3.91 3.03
CA SER B 93 13.16 4.32 1.92
C SER B 93 14.61 3.89 2.13
N TYR B 94 15.08 3.99 3.38
CA TYR B 94 16.42 3.55 3.73
C TYR B 94 16.53 2.03 3.59
N ASN B 95 15.54 1.32 4.09
CA ASN B 95 15.52 -0.13 3.97
C ASN B 95 15.63 -0.57 2.53
N ALA B 96 14.91 0.12 1.65
CA ALA B 96 14.86 -0.28 0.25
C ALA B 96 16.17 0.01 -0.46
N GLU B 97 16.79 1.13 -0.14
CA GLU B 97 18.07 1.53 -0.72
C GLU B 97 19.20 0.57 -0.34
N LEU B 98 19.27 0.26 0.95
CA LEU B 98 20.28 -0.65 1.46
C LEU B 98 20.04 -2.03 0.92
N LEU B 99 18.79 -2.47 0.90
CA LEU B 99 18.48 -3.80 0.46
C LEU B 99 19.01 -4.07 -0.96
N VAL B 100 18.65 -3.19 -1.87
CA VAL B 100 19.03 -3.30 -3.26
CA VAL B 100 19.04 -3.35 -3.26
C VAL B 100 20.55 -3.25 -3.41
N ALA B 101 21.20 -2.36 -2.66
CA ALA B 101 22.64 -2.21 -2.75
C ALA B 101 23.37 -3.46 -2.32
N LEU B 102 22.94 -4.06 -1.19
CA LEU B 102 23.51 -5.32 -0.71
C LEU B 102 23.18 -6.47 -1.63
N GLU B 103 21.91 -6.61 -1.98
CA GLU B 103 21.54 -7.68 -2.89
C GLU B 103 22.39 -7.62 -4.18
N ASN B 104 22.60 -6.41 -4.69
CA ASN B 104 23.30 -6.28 -5.94
C ASN B 104 24.79 -6.61 -5.83
N GLN B 105 25.42 -6.22 -4.72
CA GLN B 105 26.80 -6.62 -4.43
C GLN B 105 26.92 -8.14 -4.32
N HIS B 106 26.00 -8.74 -3.58
CA HIS B 106 25.96 -10.18 -3.44
C HIS B 106 25.73 -10.92 -4.78
N THR B 107 24.88 -10.38 -5.65
CA THR B 107 24.55 -11.03 -6.92
C THR B 107 25.76 -11.01 -7.84
N ILE B 108 26.42 -9.86 -7.87
CA ILE B 108 27.64 -9.70 -8.62
C ILE B 108 28.70 -10.65 -8.12
N ASP B 109 28.90 -10.73 -6.80
CA ASP B 109 29.88 -11.66 -6.25
C ASP B 109 29.57 -13.13 -6.42
N LEU B 110 28.31 -13.54 -6.28
CA LEU B 110 27.96 -14.95 -6.45
C LEU B 110 28.10 -15.39 -7.89
N THR B 111 27.83 -14.48 -8.83
CA THR B 111 27.99 -14.83 -10.24
C THR B 111 29.47 -14.98 -10.61
N ASP B 112 30.31 -14.14 -10.01
CA ASP B 112 31.77 -14.20 -10.15
C ASP B 112 32.23 -15.53 -9.53
N SER B 113 31.68 -15.86 -8.37
CA SER B 113 31.99 -17.12 -7.71
C SER B 113 31.67 -18.33 -8.59
N GLU B 114 30.50 -18.34 -9.23
CA GLU B 114 30.14 -19.48 -10.08
C GLU B 114 31.12 -19.64 -11.21
N MET B 115 31.55 -18.53 -11.81
CA MET B 115 32.57 -18.58 -12.85
C MET B 115 33.86 -19.15 -12.30
N ASN B 116 34.25 -18.68 -11.13
CA ASN B 116 35.48 -19.15 -10.52
C ASN B 116 35.45 -20.66 -10.21
N LYS B 117 34.32 -21.14 -9.70
CA LYS B 117 34.19 -22.55 -9.34
C LYS B 117 34.30 -23.47 -10.54
N LEU B 118 33.62 -23.09 -11.62
CA LEU B 118 33.69 -23.87 -12.85
C LEU B 118 35.12 -23.95 -13.35
N PHE B 119 35.82 -22.81 -13.31
CA PHE B 119 37.18 -22.74 -13.75
C PHE B 119 38.04 -23.66 -12.92
N GLU B 120 37.94 -23.51 -11.61
CA GLU B 120 38.68 -24.35 -10.67
C GLU B 120 38.41 -25.84 -10.86
N LYS B 121 37.16 -26.21 -11.03
CA LYS B 121 36.80 -27.60 -11.21
C LYS B 121 37.41 -28.15 -12.50
N THR B 122 37.40 -27.36 -13.55
CA THR B 122 37.99 -27.76 -14.83
C THR B 122 39.53 -27.93 -14.64
N LYS B 123 40.18 -27.01 -13.94
CA LYS B 123 41.63 -27.10 -13.69
C LYS B 123 42.02 -28.43 -13.02
N LYS B 124 41.28 -28.81 -11.99
CA LYS B 124 41.59 -30.05 -11.24
C LYS B 124 41.39 -31.28 -12.10
N GLN B 125 40.33 -31.27 -12.90
CA GLN B 125 40.05 -32.32 -13.85
C GLN B 125 41.21 -32.58 -14.81
N LEU B 126 41.84 -31.53 -15.26
CA LEU B 126 42.97 -31.64 -16.18
C LEU B 126 44.25 -32.18 -15.55
N ARG B 127 44.36 -32.16 -14.22
CA ARG B 127 45.53 -32.75 -13.51
C ARG B 127 46.84 -32.20 -14.09
N GLU B 128 47.73 -33.06 -14.58
CA GLU B 128 49.00 -32.66 -15.15
C GLU B 128 48.98 -32.55 -16.68
N ASN B 129 47.79 -32.51 -17.28
CA ASN B 129 47.65 -32.56 -18.75
C ASN B 129 47.50 -31.20 -19.39
N ALA B 130 47.36 -30.17 -18.56
CA ALA B 130 47.21 -28.81 -19.05
C ALA B 130 47.86 -27.79 -18.10
N GLU B 131 48.07 -26.58 -18.59
CA GLU B 131 48.53 -25.48 -17.77
C GLU B 131 47.56 -24.30 -17.96
N ASP B 132 47.48 -23.48 -16.92
CA ASP B 132 46.59 -22.32 -16.85
C ASP B 132 47.30 -21.15 -17.54
N MET B 133 46.73 -20.63 -18.62
CA MET B 133 47.36 -19.51 -19.36
C MET B 133 47.10 -18.15 -18.71
N GLY B 134 46.33 -18.10 -17.63
CA GLY B 134 46.13 -16.87 -16.84
C GLY B 134 44.97 -15.97 -17.25
N ASN B 135 44.25 -16.38 -18.30
CA ASN B 135 43.16 -15.60 -18.90
C ASN B 135 41.86 -16.43 -19.02
N GLY B 136 41.74 -17.44 -18.16
CA GLY B 136 40.64 -18.39 -18.24
C GLY B 136 40.81 -19.55 -19.18
N CYS B 137 41.92 -19.59 -19.91
CA CYS B 137 42.16 -20.64 -20.91
C CYS B 137 43.22 -21.60 -20.41
N PHE B 138 43.03 -22.88 -20.71
CA PHE B 138 44.03 -23.92 -20.46
C PHE B 138 44.68 -24.34 -21.76
N LYS B 139 46.00 -24.44 -21.74
CA LYS B 139 46.74 -25.07 -22.81
C LYS B 139 46.75 -26.56 -22.49
N ILE B 140 46.12 -27.36 -23.35
CA ILE B 140 46.06 -28.80 -23.16
C ILE B 140 47.18 -29.40 -23.97
N TYR B 141 48.04 -30.17 -23.33
CA TYR B 141 49.30 -30.63 -23.95
C TYR B 141 49.16 -32.01 -24.61
N HIS B 142 48.00 -32.26 -25.21
CA HIS B 142 47.71 -33.50 -25.90
C HIS B 142 46.64 -33.30 -26.96
N LYS B 143 46.66 -34.15 -27.98
CA LYS B 143 45.57 -34.22 -28.97
C LYS B 143 44.25 -34.42 -28.23
N CYS B 144 43.33 -33.48 -28.38
CA CYS B 144 42.06 -33.52 -27.66
C CYS B 144 40.96 -33.16 -28.62
N ASP B 145 40.47 -34.17 -29.34
CA ASP B 145 39.36 -34.06 -30.30
C ASP B 145 38.01 -33.67 -29.66
N ASN B 146 36.97 -33.57 -30.48
CA ASN B 146 35.66 -33.09 -30.00
C ASN B 146 35.07 -33.96 -28.87
N ALA B 147 35.24 -35.26 -28.96
CA ALA B 147 34.80 -36.20 -27.93
C ALA B 147 35.59 -36.01 -26.63
N CYS B 148 36.90 -35.81 -26.75
CA CYS B 148 37.76 -35.50 -25.61
C CYS B 148 37.34 -34.19 -24.90
N ILE B 149 37.15 -33.12 -25.68
CA ILE B 149 36.65 -31.83 -25.13
C ILE B 149 35.29 -32.04 -24.43
N GLY B 150 34.37 -32.69 -25.14
CA GLY B 150 33.07 -33.11 -24.59
C GLY B 150 33.21 -33.90 -23.29
N SER B 151 34.17 -34.82 -23.24
CA SER B 151 34.46 -35.56 -22.02
C SER B 151 34.88 -34.64 -20.86
N ILE B 152 35.62 -33.56 -21.16
CA ILE B 152 35.97 -32.58 -20.12
C ILE B 152 34.73 -31.79 -19.68
N ARG B 153 33.92 -31.34 -20.63
CA ARG B 153 32.69 -30.63 -20.30
C ARG B 153 31.69 -31.48 -19.51
N ASN B 154 31.66 -32.79 -19.77
CA ASN B 154 30.71 -33.72 -19.11
C ASN B 154 31.23 -34.34 -17.81
N GLY B 155 32.46 -34.04 -17.41
CA GLY B 155 33.03 -34.64 -16.20
C GLY B 155 33.46 -36.12 -16.31
N THR B 156 33.66 -36.62 -17.54
CA THR B 156 34.05 -38.01 -17.79
C THR B 156 35.50 -38.14 -18.31
N TYR B 157 36.23 -37.04 -18.39
CA TYR B 157 37.59 -37.01 -18.88
C TYR B 157 38.51 -37.83 -17.98
N ASP B 158 39.19 -38.81 -18.57
CA ASP B 158 40.17 -39.62 -17.84
C ASP B 158 41.58 -39.09 -18.11
N HIS B 159 42.12 -38.39 -17.13
CA HIS B 159 43.44 -37.77 -17.30
C HIS B 159 44.56 -38.81 -17.50
N ASP B 160 44.40 -40.01 -16.93
CA ASP B 160 45.40 -41.09 -17.12
C ASP B 160 45.61 -41.53 -18.58
N VAL B 161 44.56 -41.45 -19.38
CA VAL B 161 44.62 -41.82 -20.80
C VAL B 161 45.68 -40.98 -21.53
N TYR B 162 45.74 -39.69 -21.23
CA TYR B 162 46.62 -38.75 -21.93
C TYR B 162 47.87 -38.31 -21.17
N ARG B 163 48.05 -38.77 -19.95
CA ARG B 163 49.09 -38.24 -19.09
C ARG B 163 50.48 -38.38 -19.70
N ASP B 164 50.79 -39.57 -20.23
CA ASP B 164 52.09 -39.82 -20.87
C ASP B 164 52.37 -38.86 -22.02
N GLU B 165 51.38 -38.73 -22.91
CA GLU B 165 51.48 -37.80 -24.03
C GLU B 165 51.72 -36.36 -23.54
N ALA B 166 50.97 -35.97 -22.53
CA ALA B 166 51.03 -34.61 -22.06
C ALA B 166 52.29 -34.27 -21.27
N LEU B 167 52.74 -35.16 -20.41
CA LEU B 167 54.00 -34.89 -19.68
C LEU B 167 55.17 -34.72 -20.66
N ASN B 168 55.26 -35.63 -21.63
CA ASN B 168 56.20 -35.49 -22.74
C ASN B 168 56.14 -34.14 -23.45
N ASN B 169 54.95 -33.65 -23.76
CA ASN B 169 54.84 -32.36 -24.41
C ASN B 169 55.19 -31.23 -23.43
N ARG B 170 54.75 -31.34 -22.17
CA ARG B 170 54.98 -30.27 -21.18
C ARG B 170 56.42 -30.05 -20.81
N PHE B 171 57.13 -31.15 -20.57
CA PHE B 171 58.50 -31.09 -20.06
C PHE B 171 59.51 -31.41 -21.17
N GLN B 172 59.28 -30.82 -22.33
CA GLN B 172 60.10 -30.93 -23.54
C GLN B 172 61.21 -29.87 -23.41
N ILE B 173 62.02 -29.71 -24.46
CA ILE B 173 62.98 -28.61 -24.57
C ILE B 173 62.90 -28.00 -25.97
C1 NAG C . 15.51 -10.34 -16.61
C2 NAG C . 15.02 -11.42 -17.56
C3 NAG C . 13.50 -11.59 -17.44
C4 NAG C . 13.08 -11.88 -16.00
C5 NAG C . 13.76 -10.95 -14.97
C6 NAG C . 13.66 -11.52 -13.55
C7 NAG C . 16.19 -11.80 -19.69
C8 NAG C . 16.49 -11.22 -21.04
N2 NAG C . 15.41 -11.05 -18.92
O3 NAG C . 13.12 -12.67 -18.28
O4 NAG C . 11.65 -11.73 -15.91
O5 NAG C . 15.16 -10.69 -15.26
O6 NAG C . 14.51 -12.67 -13.36
O7 NAG C . 16.64 -12.89 -19.35
C1 NAG C . 10.94 -12.90 -15.40
C2 NAG C . 9.63 -12.40 -14.78
C3 NAG C . 8.67 -13.54 -14.46
C4 NAG C . 8.49 -14.46 -15.66
C5 NAG C . 9.87 -14.98 -16.07
C6 NAG C . 9.86 -15.99 -17.23
C7 NAG C . 9.87 -10.30 -13.45
C8 NAG C . 10.16 -9.76 -12.08
N2 NAG C . 9.89 -11.64 -13.55
O3 NAG C . 7.41 -12.98 -14.07
O4 NAG C . 7.58 -15.54 -15.34
O5 NAG C . 10.70 -13.87 -16.41
O6 NAG C . 9.84 -15.32 -18.49
O7 NAG C . 9.63 -9.55 -14.38
C1 BMA C . 6.18 -15.31 -15.73
C2 BMA C . 5.57 -16.63 -16.17
C3 BMA C . 4.10 -16.46 -16.56
C4 BMA C . 3.34 -15.78 -15.43
C5 BMA C . 4.03 -14.49 -15.01
C6 BMA C . 3.33 -13.81 -13.83
O2 BMA C . 5.70 -17.59 -15.12
O3 BMA C . 3.50 -17.73 -16.83
O4 BMA C . 1.99 -15.50 -15.85
O5 BMA C . 5.40 -14.77 -14.66
O6 BMA C . 2.92 -12.49 -14.24
C1 MAN C . 3.52 -18.14 -18.22
C2 MAN C . 2.30 -19.01 -18.48
C3 MAN C . 2.42 -20.32 -17.68
C4 MAN C . 3.79 -21.00 -17.85
C5 MAN C . 4.99 -20.03 -17.89
C6 MAN C . 6.23 -20.67 -18.50
O2 MAN C . 2.14 -19.26 -19.88
O3 MAN C . 1.39 -21.22 -18.10
O4 MAN C . 3.95 -21.90 -16.75
O5 MAN C . 4.70 -18.82 -18.61
O6 MAN C . 7.22 -20.89 -17.50
C1 MAN C . 3.21 -11.36 -13.37
C2 MAN C . 4.09 -10.36 -14.17
C3 MAN C . 5.46 -9.98 -13.59
C4 MAN C . 5.56 -10.20 -12.07
C5 MAN C . 5.07 -11.61 -11.77
C6 MAN C . 5.34 -12.06 -10.33
O2 MAN C . 3.32 -9.16 -14.39
O3 MAN C . 5.78 -8.61 -13.90
O4 MAN C . 6.90 -10.00 -11.62
O5 MAN C . 3.67 -11.68 -12.04
O6 MAN C . 4.75 -13.34 -10.09
C1 NAG D . -24.34 15.31 -7.96
C2 NAG D . -25.40 14.65 -8.84
C3 NAG D . -25.40 15.27 -10.27
C4 NAG D . -25.22 16.79 -10.24
C5 NAG D . -23.99 17.14 -9.39
C6 NAG D . -23.48 18.59 -9.41
C7 NAG D . -25.67 12.32 -8.06
C8 NAG D . -25.27 10.89 -8.30
N2 NAG D . -25.15 13.22 -8.91
O3 NAG D . -26.63 14.96 -10.94
O4 NAG D . -25.08 17.29 -11.58
O5 NAG D . -24.36 16.74 -8.08
O6 NAG D . -24.50 19.60 -9.40
O7 NAG D . -26.42 12.64 -7.14
C1 NAG D . -26.15 18.21 -11.90
C2 NAG D . -26.07 18.63 -13.37
C3 NAG D . -27.30 19.42 -13.82
C4 NAG D . -28.63 18.91 -13.24
C5 NAG D . -28.50 18.56 -11.77
C6 NAG D . -29.76 17.92 -11.19
C7 NAG D . -23.64 18.89 -13.73
C8 NAG D . -22.53 19.88 -13.93
N2 NAG D . -24.87 19.42 -13.59
O3 NAG D . -27.37 19.39 -15.25
O4 NAG D . -29.63 19.92 -13.42
O5 NAG D . -27.43 17.64 -11.63
O6 NAG D . -30.88 18.79 -11.35
O7 NAG D . -23.42 17.69 -13.69
C1 FUL D . -24.87 20.08 -8.11
C2 FUL D . -26.37 20.33 -8.20
O2 FUL D . -27.01 19.08 -8.54
C3 FUL D . -26.92 20.94 -6.92
O3 FUL D . -28.27 21.35 -7.10
C4 FUL D . -26.07 22.12 -6.44
O4 FUL D . -26.32 23.24 -7.29
C5 FUL D . -24.56 21.79 -6.43
C6 FUL D . -23.72 23.02 -6.11
O5 FUL D . -24.17 21.25 -7.70
C1 NAG E . -35.11 10.36 34.88
C2 NAG E . -35.56 10.58 36.33
C3 NAG E . -34.89 9.53 37.22
C4 NAG E . -35.31 8.12 36.78
C5 NAG E . -34.99 7.94 35.28
C6 NAG E . -35.60 6.65 34.72
C7 NAG E . -36.09 12.73 37.49
C8 NAG E . -35.55 14.08 37.86
N2 NAG E . -35.25 11.95 36.80
O3 NAG E . -35.24 9.77 38.59
O4 NAG E . -34.61 7.09 37.53
O5 NAG E . -35.49 9.03 34.50
O6 NAG E . -37.03 6.69 34.79
O7 NAG E . -37.22 12.40 37.84
C1 NAG E . -35.46 6.17 38.25
C2 NAG E . -34.70 4.86 38.51
C3 NAG E . -35.30 4.02 39.64
C4 NAG E . -35.62 4.86 40.86
C5 NAG E . -36.57 5.98 40.45
C6 NAG E . -36.99 6.85 41.64
C7 NAG E . -33.60 3.88 36.50
C8 NAG E . -33.81 2.96 35.33
N2 NAG E . -34.66 4.02 37.31
O3 NAG E . -34.41 2.96 40.03
O4 NAG E . -36.18 4.04 41.88
O5 NAG E . -35.94 6.80 39.46
O6 NAG E . -37.90 7.87 41.21
O7 NAG E . -32.52 4.45 36.66
C1 NAG F . -0.67 10.62 -7.36
C2 NAG F . 0.47 11.09 -8.27
C3 NAG F . 1.41 12.04 -7.53
C4 NAG F . 0.65 13.05 -6.68
C5 NAG F . -0.39 12.35 -5.81
C6 NAG F . -1.20 13.24 -4.88
C7 NAG F . 0.91 9.32 -9.94
C8 NAG F . 1.79 8.16 -10.33
N2 NAG F . 1.22 9.95 -8.79
O3 NAG F . 2.22 12.75 -8.46
O4 NAG F . 1.60 13.78 -5.89
O5 NAG F . -1.29 11.72 -6.70
O6 NAG F . -2.09 14.04 -5.66
O7 NAG F . -0.03 9.63 -10.66
C1 NAG F . 1.34 15.19 -6.00
C2 NAG F . 2.14 15.95 -4.94
C3 NAG F . 1.87 17.44 -5.03
C4 NAG F . 2.06 17.95 -6.47
C5 NAG F . 1.23 17.09 -7.44
C6 NAG F . 1.41 17.49 -8.90
C7 NAG F . 2.47 14.56 -2.95
C8 NAG F . 1.93 14.22 -1.59
N2 NAG F . 1.78 15.48 -3.62
O3 NAG F . 2.74 18.14 -4.13
O4 NAG F . 1.67 19.32 -6.54
O5 NAG F . 1.62 15.71 -7.30
O6 NAG F . 2.68 17.00 -9.38
O7 NAG F . 3.47 14.02 -3.40
C1 NAG G . 17.82 -6.41 -24.33
C2 NAG G . 16.77 -6.38 -23.21
C3 NAG G . 15.72 -7.49 -23.35
C4 NAG G . 15.17 -7.58 -24.77
C5 NAG G . 16.33 -7.73 -25.76
C6 NAG G . 15.89 -7.90 -27.22
C7 NAG G . 17.72 -5.52 -21.08
C8 NAG G . 18.32 -5.93 -19.77
N2 NAG G . 17.37 -6.53 -21.88
O3 NAG G . 14.65 -7.27 -22.41
O4 NAG G . 14.27 -8.70 -24.87
O5 NAG G . 17.21 -6.59 -25.62
O6 NAG G . 14.97 -6.88 -27.62
O7 NAG G . 17.59 -4.33 -21.36
C1 NAG H . -42.15 11.54 12.43
C2 NAG H . -43.56 11.09 12.83
C3 NAG H . -43.85 9.61 12.49
C4 NAG H . -43.32 9.22 11.11
C5 NAG H . -41.84 9.60 11.01
C6 NAG H . -41.19 9.19 9.69
C7 NAG H . -44.80 11.92 14.83
C8 NAG H . -44.81 11.97 16.32
N2 NAG H . -43.78 11.26 14.27
O3 NAG H . -45.26 9.36 12.56
O4 NAG H . -43.51 7.82 10.90
O5 NAG H . -41.75 11.01 11.15
O6 NAG H . -41.77 9.93 8.61
O7 NAG H . -45.69 12.47 14.18
C1 SIA I . -37.09 27.43 7.67
C2 SIA I . -38.03 28.15 8.62
C3 SIA I . -39.44 27.52 8.66
C4 SIA I . -39.43 26.18 9.39
C5 SIA I . -38.85 26.32 10.80
C6 SIA I . -37.45 26.95 10.69
C7 SIA I . -36.79 27.24 12.04
C8 SIA I . -35.42 27.90 11.88
C9 SIA I . -34.62 27.89 13.19
C10 SIA I . -39.23 24.76 12.71
C11 SIA I . -39.18 23.32 13.11
N5 SIA I . -38.85 25.01 11.44
O1A SIA I . -35.86 27.43 7.92
O1B SIA I . -37.55 26.85 6.65
O2 SIA I . -38.16 29.51 8.17
O4 SIA I . -40.78 25.68 9.47
O6 SIA I . -37.50 28.18 9.95
O7 SIA I . -37.63 28.13 12.79
O8 SIA I . -34.64 27.24 10.86
O9 SIA I . -33.70 28.99 13.21
O10 SIA I . -39.60 25.62 13.49
C1 NAG J . 28.55 -34.90 -23.43
C2 NAG J . 28.60 -36.02 -24.47
C3 NAG J . 27.65 -35.75 -25.66
C4 NAG J . 26.28 -35.27 -25.17
C5 NAG J . 26.50 -34.03 -24.31
C6 NAG J . 25.21 -33.30 -23.91
C7 NAG J . 30.86 -37.03 -24.48
C8 NAG J . 32.19 -37.00 -25.17
N2 NAG J . 29.96 -36.17 -24.98
O3 NAG J . 27.53 -36.92 -26.48
O4 NAG J . 25.41 -35.02 -26.28
O5 NAG J . 27.21 -34.44 -23.13
O6 NAG J . 24.33 -34.16 -23.18
O7 NAG J . 30.65 -37.81 -23.56
#